data_6OOF
#
_entry.id   6OOF
#
_cell.length_a   45.161
_cell.length_b   107.211
_cell.length_c   47.884
_cell.angle_alpha   90.000
_cell.angle_beta   101.660
_cell.angle_gamma   90.000
#
_symmetry.space_group_name_H-M   'P 1 21 1'
#
loop_
_entity.id
_entity.type
_entity.pdbx_description
1 polymer Beta-lactamase
2 non-polymer 3-(1H-tetrazol-5-yl)-N-[3-(1H-tetrazol-5-yl)phenyl]-5-(trifluoromethyl)benzamide
3 water water
#
_entity_poly.entity_id   1
_entity_poly.type   'polypeptide(L)'
_entity_poly.pdbx_seq_one_letter_code
;(PCA)TSAVQQKLAALEKSSGGRLGVALIDTADNTQVLYRGDERFPMCSTSKVMAAAAVLKQSETQKQLLNQPVEIKPAD
LVNYNPIAEKHVNGTMTLAELSAAALQYSDNTAMNKLIAQLGGPGGVTAFARAIGDETFRLDRTEPTLNTAIPGDPRDTT
TPRAMAQTLRQLTLGHALGETQRAQLVTWLKGNTTGAASIRAGLPTSWTVGDKTGSGDYGTTNDIAVIWPQGRAPLVLVT
YFTQPQQNAESRRDVLASAARIIAEGL
;
_entity_poly.pdbx_strand_id   A,B
#
# COMPACT_ATOMS: atom_id res chain seq x y z
N THR A 2 -2.47 -2.77 3.83
CA THR A 2 -1.06 -2.48 4.09
C THR A 2 -0.29 -2.99 2.88
N SER A 3 0.38 -2.08 2.19
CA SER A 3 1.15 -2.42 1.00
C SER A 3 2.55 -2.90 1.37
N ALA A 4 3.27 -3.43 0.39
CA ALA A 4 4.61 -3.91 0.63
C ALA A 4 5.54 -2.79 1.09
N VAL A 5 5.39 -1.60 0.48
CA VAL A 5 6.18 -0.44 0.90
C VAL A 5 5.83 -0.09 2.36
N GLN A 6 4.55 -0.11 2.72
CA GLN A 6 4.20 0.22 4.12
C GLN A 6 4.77 -0.80 5.09
N GLN A 7 4.80 -2.07 4.71
CA GLN A 7 5.39 -3.08 5.58
C GLN A 7 6.87 -2.84 5.80
N LYS A 8 7.59 -2.51 4.71
CA LYS A 8 8.99 -2.19 4.85
C LYS A 8 9.23 -0.96 5.70
N LEU A 9 8.39 0.06 5.54
CA LEU A 9 8.54 1.25 6.38
C LEU A 9 8.26 0.90 7.84
N ALA A 10 7.28 0.01 8.08
CA ALA A 10 7.03 -0.40 9.46
C ALA A 10 8.22 -1.13 10.07
N ALA A 11 8.90 -1.97 9.28
CA ALA A 11 10.08 -2.68 9.79
C ALA A 11 11.21 -1.71 10.08
N LEU A 12 11.44 -0.76 9.17
CA LEU A 12 12.43 0.28 9.41
C LEU A 12 12.11 0.98 10.72
N GLU A 13 10.84 1.40 10.87
CA GLU A 13 10.45 2.12 12.08
C GLU A 13 10.71 1.28 13.31
N LYS A 14 10.31 0.01 13.27
CA LYS A 14 10.49 -0.83 14.44
CA LYS A 14 10.49 -0.83 14.44
C LYS A 14 11.95 -0.91 14.85
N SER A 15 12.85 -1.06 13.86
CA SER A 15 14.26 -1.17 14.17
C SER A 15 14.84 0.13 14.69
N SER A 16 14.22 1.27 14.35
CA SER A 16 14.74 2.57 14.70
C SER A 16 14.38 2.94 16.13
N GLY A 17 13.34 2.33 16.68
CA GLY A 17 12.82 2.65 18.00
C GLY A 17 12.01 3.92 18.09
N GLY A 18 11.87 4.67 17.00
CA GLY A 18 11.13 5.92 17.01
C GLY A 18 9.80 5.83 16.28
N ARG A 19 9.29 6.97 15.84
CA ARG A 19 8.05 7.12 15.13
C ARG A 19 8.32 7.82 13.83
N LEU A 20 7.95 7.19 12.73
CA LEU A 20 8.26 7.66 11.39
C LEU A 20 6.97 8.00 10.67
N GLY A 21 6.98 9.09 9.93
CA GLY A 21 5.87 9.54 9.13
C GLY A 21 6.34 9.81 7.73
N VAL A 22 5.67 9.29 6.74
CA VAL A 22 6.06 9.42 5.33
C VAL A 22 4.85 9.76 4.48
N ALA A 23 5.01 10.70 3.56
CA ALA A 23 4.05 10.90 2.50
C ALA A 23 4.72 11.17 1.18
N LEU A 24 4.38 10.39 0.17
CA LEU A 24 4.83 10.56 -1.19
C LEU A 24 3.64 10.95 -2.05
N ILE A 25 3.80 11.97 -2.90
CA ILE A 25 2.91 12.16 -4.05
C ILE A 25 3.72 11.95 -5.31
N ASP A 26 3.26 11.05 -6.15
CA ASP A 26 3.85 10.85 -7.48
C ASP A 26 3.02 11.65 -8.50
N THR A 27 3.59 12.70 -9.09
N THR A 27 3.57 12.77 -9.02
CA THR A 27 2.83 13.40 -10.11
CA THR A 27 2.75 13.67 -9.83
C THR A 27 2.75 12.66 -11.45
C THR A 27 2.44 13.13 -11.22
N ALA A 28 3.33 11.46 -11.59
N ALA A 28 3.05 12.01 -11.62
CA ALA A 28 3.09 10.66 -12.80
CA ALA A 28 2.71 11.40 -12.90
C ALA A 28 1.62 10.25 -12.92
C ALA A 28 1.31 10.84 -12.88
N ASP A 29 0.92 10.17 -11.78
CA ASP A 29 -0.45 9.64 -11.69
C ASP A 29 -1.23 10.24 -10.52
N ASN A 30 -0.61 11.12 -9.74
CA ASN A 30 -1.21 11.75 -8.56
C ASN A 30 -1.49 10.77 -7.45
N THR A 31 -0.86 9.60 -7.50
CA THR A 31 -1.08 8.66 -6.43
C THR A 31 -0.21 9.00 -5.24
N GLN A 32 -0.64 8.54 -4.09
CA GLN A 32 -0.01 8.85 -2.84
C GLN A 32 0.34 7.55 -2.16
N VAL A 33 1.47 7.54 -1.46
CA VAL A 33 1.87 6.49 -0.53
C VAL A 33 2.10 7.14 0.83
N LEU A 34 1.50 6.60 1.84
CA LEU A 34 1.50 7.17 3.16
C LEU A 34 1.89 6.17 4.22
N TYR A 35 2.61 6.63 5.23
CA TYR A 35 2.89 5.86 6.42
C TYR A 35 2.69 6.80 7.60
N ARG A 36 1.77 6.49 8.50
CA ARG A 36 1.37 7.45 9.55
C ARG A 36 1.04 8.81 8.94
N GLY A 37 0.39 8.80 7.77
CA GLY A 37 0.28 10.05 7.01
C GLY A 37 -0.63 11.10 7.63
N ASP A 38 -1.51 10.67 8.52
CA ASP A 38 -2.44 11.55 9.22
C ASP A 38 -2.09 11.74 10.70
N GLU A 39 -0.91 11.30 11.14
CA GLU A 39 -0.45 11.58 12.48
C GLU A 39 0.30 12.91 12.48
N ARG A 40 0.25 13.63 13.59
CA ARG A 40 0.97 14.89 13.73
CA ARG A 40 0.96 14.89 13.73
C ARG A 40 2.40 14.66 14.15
N PHE A 41 3.29 15.48 13.59
CA PHE A 41 4.71 15.46 13.88
C PHE A 41 5.17 16.90 14.03
N PRO A 42 6.15 17.14 14.90
CA PRO A 42 6.78 18.45 14.95
C PRO A 42 7.53 18.75 13.68
N MET A 43 7.28 19.92 13.10
CA MET A 43 7.89 20.28 11.81
C MET A 43 9.33 20.72 11.93
N CYS A 44 9.68 21.35 13.02
CA CYS A 44 10.99 21.96 13.19
C CYS A 44 11.26 22.85 11.98
N SER A 45 12.50 22.84 11.45
CA SER A 45 12.85 23.81 10.42
C SER A 45 12.23 23.53 9.07
N THR A 46 11.50 22.42 8.89
CA THR A 46 10.78 22.29 7.63
C THR A 46 9.72 23.37 7.47
N SER A 47 9.26 23.97 8.57
CA SER A 47 8.33 25.07 8.55
C SER A 47 8.91 26.32 7.92
N LYS A 48 10.23 26.39 7.73
CA LYS A 48 10.84 27.55 7.07
C LYS A 48 10.35 27.70 5.64
N VAL A 49 9.97 26.59 4.99
CA VAL A 49 9.42 26.67 3.64
C VAL A 49 8.13 27.47 3.61
N MET A 50 7.25 27.23 4.57
CA MET A 50 5.97 27.93 4.58
C MET A 50 6.19 29.40 4.82
N ALA A 51 7.10 29.76 5.71
CA ALA A 51 7.35 31.17 5.97
C ALA A 51 7.93 31.87 4.75
N ALA A 52 8.89 31.24 4.10
CA ALA A 52 9.47 31.86 2.93
C ALA A 52 8.45 31.98 1.81
N ALA A 53 7.59 30.96 1.67
CA ALA A 53 6.57 31.03 0.63
C ALA A 53 5.56 32.14 0.91
N ALA A 54 5.21 32.37 2.18
CA ALA A 54 4.27 33.40 2.53
C ALA A 54 4.82 34.78 2.17
N VAL A 55 6.11 34.99 2.38
CA VAL A 55 6.74 36.25 1.99
C VAL A 55 6.77 36.36 0.48
N LEU A 56 7.07 35.25 -0.23
CA LEU A 56 6.99 35.29 -1.68
C LEU A 56 5.60 35.68 -2.15
N LYS A 57 4.56 35.14 -1.52
CA LYS A 57 3.20 35.53 -1.86
C LYS A 57 2.97 37.04 -1.70
N GLN A 58 3.44 37.63 -0.59
CA GLN A 58 3.32 39.08 -0.42
C GLN A 58 4.04 39.81 -1.55
N SER A 59 5.16 39.27 -2.01
CA SER A 59 5.93 39.93 -3.04
C SER A 59 5.21 39.97 -4.37
N GLU A 60 4.17 39.18 -4.53
CA GLU A 60 3.46 39.23 -5.79
C GLU A 60 2.77 40.55 -6.02
N THR A 61 2.41 41.27 -4.97
CA THR A 61 1.78 42.56 -5.13
C THR A 61 2.71 43.71 -4.72
N GLN A 62 3.95 43.42 -4.42
CA GLN A 62 4.96 44.44 -4.09
C GLN A 62 6.27 44.08 -4.77
N LYS A 63 6.50 44.61 -5.96
CA LYS A 63 7.65 44.19 -6.77
C LYS A 63 9.00 44.41 -6.11
N GLN A 64 9.10 45.32 -5.15
CA GLN A 64 10.35 45.62 -4.45
C GLN A 64 10.45 44.97 -3.07
N LEU A 65 9.46 44.18 -2.66
CA LEU A 65 9.47 43.68 -1.28
C LEU A 65 10.72 42.85 -0.99
N LEU A 66 11.18 42.05 -1.93
CA LEU A 66 12.29 41.18 -1.60
C LEU A 66 13.59 41.97 -1.40
N ASN A 67 13.68 43.15 -1.99
N ASN A 67 13.60 43.24 -1.78
CA ASN A 67 14.89 43.96 -1.83
CA ASN A 67 14.71 44.15 -1.53
C ASN A 67 14.79 44.95 -0.68
C ASN A 67 14.55 44.94 -0.24
N GLN A 68 13.71 44.90 0.10
N GLN A 68 13.50 44.69 0.51
CA GLN A 68 13.55 45.76 1.26
CA GLN A 68 13.23 45.47 1.71
C GLN A 68 14.57 45.36 2.33
C GLN A 68 14.23 45.15 2.80
N PRO A 69 15.35 46.29 2.86
N PRO A 69 14.90 46.15 3.38
CA PRO A 69 16.28 45.95 3.94
CA PRO A 69 15.87 45.85 4.44
C PRO A 69 15.61 45.82 5.29
C PRO A 69 15.17 45.57 5.75
N VAL A 70 16.08 44.85 6.05
N VAL A 70 15.81 44.73 6.56
CA VAL A 70 15.62 44.58 7.40
CA VAL A 70 15.39 44.37 7.90
C VAL A 70 16.83 44.70 8.32
C VAL A 70 16.59 44.49 8.83
N GLU A 71 16.69 45.50 9.38
N GLU A 71 16.43 45.27 9.90
CA GLU A 71 17.79 45.67 10.34
CA GLU A 71 17.50 45.44 10.89
C GLU A 71 17.92 44.43 11.21
C GLU A 71 17.80 44.16 11.65
N ILE A 72 19.17 44.04 11.49
N ILE A 72 19.10 43.84 11.77
CA ILE A 72 19.50 42.97 12.44
CA ILE A 72 19.59 42.71 12.55
C ILE A 72 20.21 43.58 13.63
C ILE A 72 20.32 43.31 13.75
N LYS A 73 19.70 43.30 14.83
CA LYS A 73 20.32 43.81 16.05
C LYS A 73 20.92 42.68 16.86
N PRO A 74 21.88 42.99 17.74
CA PRO A 74 22.51 41.92 18.52
C PRO A 74 21.51 41.10 19.30
N ALA A 75 20.42 41.70 19.81
CA ALA A 75 19.43 40.95 20.56
C ALA A 75 18.57 40.06 19.68
N ASP A 76 18.61 40.24 18.36
CA ASP A 76 17.86 39.35 17.46
C ASP A 76 18.52 38.00 17.26
N LEU A 77 19.79 37.85 17.58
CA LEU A 77 20.47 36.60 17.29
C LEU A 77 19.91 35.55 18.24
N VAL A 78 19.62 34.35 17.73
CA VAL A 78 19.14 33.26 18.55
C VAL A 78 20.23 32.18 18.61
N ASN A 79 19.92 30.92 18.35
CA ASN A 79 20.83 29.83 18.69
C ASN A 79 21.55 29.23 17.50
N TYR A 80 21.30 29.73 16.28
CA TYR A 80 21.92 29.19 15.07
C TYR A 80 21.76 30.27 14.01
N ASN A 81 22.80 31.04 13.81
CA ASN A 81 22.68 32.26 13.02
C ASN A 81 23.86 32.42 12.10
N PRO A 82 24.20 31.42 11.30
CA PRO A 82 25.45 31.49 10.54
C PRO A 82 25.50 32.66 9.58
N ILE A 83 24.37 33.07 9.01
CA ILE A 83 24.34 34.16 8.07
C ILE A 83 24.04 35.46 8.78
N ALA A 84 23.00 35.48 9.62
CA ALA A 84 22.59 36.72 10.25
C ALA A 84 23.67 37.32 11.12
N GLU A 85 24.50 36.52 11.78
CA GLU A 85 25.51 37.15 12.64
C GLU A 85 26.51 38.02 11.85
N LYS A 86 26.69 37.78 10.57
CA LYS A 86 27.57 38.63 9.80
C LYS A 86 26.96 40.00 9.53
N HIS A 87 25.68 40.21 9.83
N HIS A 87 25.68 40.18 9.82
CA HIS A 87 25.02 41.46 9.48
CA HIS A 87 24.92 41.38 9.48
C HIS A 87 24.43 42.14 10.71
C HIS A 87 24.45 42.13 10.70
N VAL A 88 24.86 41.71 11.90
CA VAL A 88 24.46 42.39 13.11
CA VAL A 88 24.41 42.41 13.09
C VAL A 88 24.85 43.85 13.01
N ASN A 89 23.99 44.73 13.54
CA ASN A 89 24.12 46.18 13.44
C ASN A 89 24.06 46.66 12.01
N GLY A 90 23.61 45.80 11.08
CA GLY A 90 23.35 46.12 9.71
C GLY A 90 21.96 45.63 9.33
N THR A 91 21.83 45.29 8.07
CA THR A 91 20.55 44.87 7.54
C THR A 91 20.74 43.70 6.60
N MET A 92 19.64 43.00 6.40
CA MET A 92 19.53 41.99 5.35
C MET A 92 18.22 42.21 4.61
N THR A 93 18.19 41.98 3.32
CA THR A 93 16.92 42.06 2.62
C THR A 93 16.07 40.80 2.87
N LEU A 94 14.77 40.91 2.58
CA LEU A 94 13.88 39.75 2.70
C LEU A 94 14.33 38.63 1.77
N ALA A 95 14.87 38.92 0.58
CA ALA A 95 15.42 37.83 -0.23
C ALA A 95 16.61 37.19 0.47
N GLU A 96 17.51 37.99 1.03
CA GLU A 96 18.65 37.40 1.74
C GLU A 96 18.22 36.59 2.94
N LEU A 97 17.22 37.06 3.67
CA LEU A 97 16.72 36.32 4.81
C LEU A 97 16.09 34.99 4.37
N SER A 98 15.34 35.01 3.29
CA SER A 98 14.70 33.80 2.79
C SER A 98 15.75 32.80 2.37
N ALA A 99 16.77 33.26 1.63
CA ALA A 99 17.82 32.37 1.20
C ALA A 99 18.57 31.81 2.42
N ALA A 100 18.86 32.63 3.41
CA ALA A 100 19.57 32.13 4.57
C ALA A 100 18.75 31.12 5.34
N ALA A 101 17.44 31.40 5.56
CA ALA A 101 16.54 30.47 6.23
C ALA A 101 16.49 29.14 5.49
N LEU A 102 16.32 29.17 4.17
CA LEU A 102 16.07 27.93 3.41
C LEU A 102 17.36 27.14 3.18
N GLN A 103 18.44 27.82 2.82
CA GLN A 103 19.64 27.13 2.34
C GLN A 103 20.65 26.84 3.43
N TYR A 104 20.64 27.63 4.51
CA TYR A 104 21.52 27.45 5.66
C TYR A 104 20.76 27.10 6.92
N SER A 105 19.43 27.18 6.87
CA SER A 105 18.59 26.92 8.05
C SER A 105 18.85 27.93 9.21
N ASP A 106 19.16 29.17 8.87
CA ASP A 106 19.42 30.23 9.85
C ASP A 106 18.16 30.57 10.65
N ASN A 107 18.22 30.43 11.97
CA ASN A 107 17.04 30.64 12.81
C ASN A 107 16.72 32.13 13.02
N THR A 108 17.72 33.00 13.03
CA THR A 108 17.42 34.43 13.08
C THR A 108 16.71 34.88 11.81
N ALA A 109 17.17 34.39 10.65
CA ALA A 109 16.49 34.73 9.40
C ALA A 109 15.04 34.27 9.42
N MET A 110 14.78 33.05 9.91
CA MET A 110 13.41 32.59 10.06
C MET A 110 12.58 33.54 10.93
N ASN A 111 13.12 34.00 12.07
CA ASN A 111 12.35 34.90 12.90
C ASN A 111 12.03 36.20 12.16
N LYS A 112 12.92 36.71 11.34
CA LYS A 112 12.58 37.89 10.55
C LYS A 112 11.47 37.64 9.54
N LEU A 113 11.44 36.45 8.93
CA LEU A 113 10.34 36.14 8.05
C LEU A 113 9.02 36.06 8.82
N ILE A 114 9.03 35.40 9.98
CA ILE A 114 7.84 35.31 10.81
C ILE A 114 7.36 36.72 11.15
N ALA A 115 8.26 37.61 11.52
CA ALA A 115 7.87 38.97 11.89
C ALA A 115 7.28 39.73 10.71
N GLN A 116 7.84 39.53 9.53
CA GLN A 116 7.29 40.17 8.34
C GLN A 116 5.86 39.74 8.09
N LEU A 117 5.45 38.57 8.59
CA LEU A 117 4.11 38.04 8.43
C LEU A 117 3.23 38.34 9.63
N GLY A 118 3.72 39.03 10.62
CA GLY A 118 2.90 39.38 11.78
C GLY A 118 2.96 38.38 12.92
N GLY A 119 3.90 37.47 12.90
CA GLY A 119 4.01 36.46 13.93
C GLY A 119 3.61 35.10 13.39
N PRO A 120 3.75 34.09 14.25
CA PRO A 120 3.52 32.70 13.81
C PRO A 120 2.18 32.51 13.15
N GLY A 121 1.12 33.15 13.69
CA GLY A 121 -0.21 33.03 13.13
C GLY A 121 -0.34 33.58 11.73
N GLY A 122 0.56 34.49 11.33
CA GLY A 122 0.59 34.94 9.95
C GLY A 122 1.04 33.85 9.00
N VAL A 123 1.92 32.97 9.46
CA VAL A 123 2.36 31.85 8.64
C VAL A 123 1.22 30.85 8.54
N THR A 124 0.57 30.52 9.66
CA THR A 124 -0.60 29.64 9.64
C THR A 124 -1.69 30.17 8.72
N ALA A 125 -1.93 31.49 8.75
CA ALA A 125 -2.98 32.07 7.90
C ALA A 125 -2.66 31.91 6.43
N PHE A 126 -1.37 32.00 6.06
CA PHE A 126 -1.01 31.75 4.66
C PHE A 126 -1.28 30.30 4.30
N ALA A 127 -0.90 29.37 5.20
CA ALA A 127 -1.16 27.96 4.96
C ALA A 127 -2.64 27.74 4.66
N ARG A 128 -3.51 28.35 5.47
CA ARG A 128 -4.95 28.18 5.25
C ARG A 128 -5.37 28.77 3.91
N ALA A 129 -4.77 29.88 3.52
CA ALA A 129 -5.14 30.53 2.27
C ALA A 129 -4.79 29.67 1.07
N ILE A 130 -3.81 28.78 1.19
CA ILE A 130 -3.44 27.92 0.09
C ILE A 130 -4.00 26.51 0.25
N GLY A 131 -4.93 26.32 1.16
CA GLY A 131 -5.65 25.06 1.25
C GLY A 131 -5.14 24.08 2.30
N ASP A 132 -4.15 24.45 3.10
CA ASP A 132 -3.61 23.56 4.13
C ASP A 132 -4.34 23.88 5.44
N GLU A 133 -5.25 23.00 5.84
CA GLU A 133 -6.03 23.13 7.06
C GLU A 133 -5.36 22.49 8.26
N THR A 134 -4.19 21.89 8.07
CA THR A 134 -3.51 21.07 9.09
C THR A 134 -2.34 21.79 9.75
N PHE A 135 -1.47 22.41 8.95
CA PHE A 135 -0.29 23.10 9.46
C PHE A 135 -0.65 24.09 10.57
N ARG A 136 0.19 24.14 11.61
CA ARG A 136 0.05 25.28 12.51
C ARG A 136 1.44 25.66 12.99
N LEU A 137 1.74 26.94 12.94
CA LEU A 137 2.94 27.48 13.57
C LEU A 137 2.49 28.35 14.74
N ASP A 138 2.99 28.06 15.91
CA ASP A 138 2.60 28.68 17.17
C ASP A 138 3.67 29.50 17.81
N ARG A 139 4.94 29.21 17.56
CA ARG A 139 6.06 29.85 18.23
C ARG A 139 7.11 30.29 17.21
N THR A 140 7.99 31.14 17.66
CA THR A 140 9.17 31.55 16.90
C THR A 140 10.32 30.60 17.16
N GLU A 141 11.48 30.90 16.53
CA GLU A 141 12.71 30.18 16.82
C GLU A 141 13.35 30.74 18.09
N PRO A 142 13.99 29.88 18.88
CA PRO A 142 14.20 28.46 18.66
C PRO A 142 13.13 27.56 19.29
N THR A 143 12.19 28.09 20.06
CA THR A 143 11.34 27.20 20.83
C THR A 143 10.40 26.40 19.98
N LEU A 144 10.21 26.75 18.71
CA LEU A 144 9.35 25.91 17.90
C LEU A 144 9.93 24.50 17.67
N ASN A 145 11.18 24.25 18.07
CA ASN A 145 11.85 22.95 17.93
C ASN A 145 11.83 22.12 19.23
N THR A 146 10.98 22.45 20.22
CA THR A 146 10.98 21.62 21.42
C THR A 146 10.52 20.20 21.16
N ALA A 147 9.65 20.00 20.17
CA ALA A 147 9.28 18.66 19.68
C ALA A 147 8.76 17.72 20.77
N ILE A 148 7.99 18.26 21.73
CA ILE A 148 7.56 17.44 22.86
C ILE A 148 6.49 16.47 22.38
N PRO A 149 6.60 15.19 22.73
CA PRO A 149 5.57 14.23 22.27
C PRO A 149 4.19 14.66 22.73
N GLY A 150 3.21 14.58 21.83
CA GLY A 150 1.84 14.93 22.16
C GLY A 150 1.52 16.41 22.06
N ASP A 151 2.54 17.26 21.93
CA ASP A 151 2.32 18.69 21.84
C ASP A 151 1.83 19.09 20.46
N PRO A 152 0.64 19.70 20.38
CA PRO A 152 0.14 20.07 19.05
C PRO A 152 0.87 21.26 18.42
N ARG A 153 1.57 22.07 19.19
CA ARG A 153 2.13 23.30 18.64
C ARG A 153 3.17 22.97 17.56
N ASP A 154 3.17 23.75 16.48
CA ASP A 154 4.24 23.72 15.52
C ASP A 154 4.33 22.34 14.85
N THR A 155 3.15 21.78 14.51
CA THR A 155 3.06 20.43 13.92
C THR A 155 2.27 20.50 12.62
N THR A 156 2.41 19.42 11.85
CA THR A 156 1.54 19.14 10.72
C THR A 156 1.53 17.63 10.53
N THR A 157 0.82 17.15 9.51
CA THR A 157 0.86 15.73 9.19
C THR A 157 1.65 15.53 7.91
N PRO A 158 2.19 14.34 7.66
CA PRO A 158 2.93 14.11 6.40
C PRO A 158 2.07 14.36 5.20
N ARG A 159 0.82 13.88 5.22
CA ARG A 159 -0.05 14.08 4.08
C ARG A 159 -0.26 15.55 3.78
N ALA A 160 -0.53 16.34 4.80
CA ALA A 160 -0.79 17.76 4.54
C ALA A 160 0.45 18.47 4.02
N MET A 161 1.61 18.17 4.57
CA MET A 161 2.82 18.86 4.13
CA MET A 161 2.82 18.85 4.14
C MET A 161 3.19 18.46 2.71
N ALA A 162 2.97 17.19 2.33
CA ALA A 162 3.30 16.82 0.95
C ALA A 162 2.39 17.53 -0.03
N GLN A 163 1.10 17.64 0.32
CA GLN A 163 0.18 18.34 -0.55
C GLN A 163 0.57 19.79 -0.70
N THR A 164 0.85 20.46 0.42
CA THR A 164 1.25 21.85 0.36
C THR A 164 2.56 22.04 -0.41
N LEU A 165 3.55 21.19 -0.17
CA LEU A 165 4.80 21.35 -0.88
C LEU A 165 4.58 21.17 -2.38
N ARG A 166 3.72 20.23 -2.78
CA ARG A 166 3.37 20.09 -4.19
C ARG A 166 2.78 21.39 -4.74
N GLN A 167 1.81 21.94 -4.02
CA GLN A 167 1.15 23.16 -4.52
C GLN A 167 2.12 24.33 -4.65
N LEU A 168 3.03 24.45 -3.70
CA LEU A 168 4.00 25.53 -3.69
C LEU A 168 5.04 25.41 -4.81
N THR A 169 5.52 24.18 -5.08
CA THR A 169 6.70 24.02 -5.92
C THR A 169 6.39 23.60 -7.33
N LEU A 170 5.27 22.91 -7.51
CA LEU A 170 4.86 22.37 -8.78
C LEU A 170 3.53 22.93 -9.23
N GLY A 171 2.69 23.39 -8.31
CA GLY A 171 1.37 23.90 -8.58
C GLY A 171 1.33 25.42 -8.70
N HIS A 172 0.17 25.98 -8.40
CA HIS A 172 -0.08 27.39 -8.59
C HIS A 172 -0.44 28.13 -7.30
N ALA A 173 0.06 27.64 -6.16
CA ALA A 173 -0.15 28.42 -4.94
C ALA A 173 0.59 29.74 -5.00
N LEU A 174 1.69 29.82 -5.72
CA LEU A 174 2.47 31.03 -5.95
C LEU A 174 2.41 31.40 -7.42
N GLY A 175 2.66 32.66 -7.75
CA GLY A 175 2.84 33.04 -9.13
C GLY A 175 4.08 32.38 -9.72
N GLU A 176 4.16 32.41 -11.04
CA GLU A 176 5.19 31.65 -11.76
C GLU A 176 6.60 32.05 -11.32
N THR A 177 6.90 33.34 -11.24
CA THR A 177 8.25 33.75 -10.90
C THR A 177 8.56 33.41 -9.44
N GLN A 178 7.56 33.50 -8.57
CA GLN A 178 7.77 33.17 -7.16
C GLN A 178 7.99 31.68 -6.98
N ARG A 179 7.23 30.87 -7.70
CA ARG A 179 7.41 29.43 -7.67
C ARG A 179 8.81 29.03 -8.14
N ALA A 180 9.28 29.65 -9.22
CA ALA A 180 10.64 29.44 -9.70
C ALA A 180 11.67 29.87 -8.65
N GLN A 181 11.44 30.98 -7.95
CA GLN A 181 12.38 31.40 -6.93
C GLN A 181 12.43 30.42 -5.76
N LEU A 182 11.27 29.91 -5.32
CA LEU A 182 11.26 28.93 -4.23
C LEU A 182 12.00 27.66 -4.64
N VAL A 183 11.77 27.19 -5.86
CA VAL A 183 12.44 25.98 -6.34
C VAL A 183 13.96 26.19 -6.41
N THR A 184 14.41 27.33 -6.94
CA THR A 184 15.83 27.66 -6.95
C THR A 184 16.41 27.61 -5.53
N TRP A 185 15.75 28.26 -4.56
CA TRP A 185 16.24 28.23 -3.20
C TRP A 185 16.36 26.81 -2.69
N LEU A 186 15.31 26.00 -2.87
CA LEU A 186 15.33 24.63 -2.34
C LEU A 186 16.42 23.80 -2.99
N LYS A 187 16.61 23.95 -4.29
CA LYS A 187 17.64 23.18 -4.99
C LYS A 187 19.03 23.56 -4.54
N GLY A 188 19.22 24.76 -4.03
CA GLY A 188 20.50 25.21 -3.51
C GLY A 188 20.70 24.96 -2.03
N ASN A 189 19.81 24.20 -1.39
CA ASN A 189 20.02 23.87 0.01
C ASN A 189 21.39 23.26 0.27
N THR A 190 22.03 23.66 1.35
CA THR A 190 23.33 23.08 1.72
C THR A 190 23.24 21.96 2.74
N THR A 191 22.07 21.68 3.33
CA THR A 191 22.02 20.81 4.51
C THR A 191 21.48 19.42 4.26
N GLY A 192 21.18 19.06 3.03
CA GLY A 192 20.31 17.92 2.76
C GLY A 192 20.98 16.62 2.33
N ALA A 193 22.30 16.56 2.15
CA ALA A 193 22.85 15.39 1.47
C ALA A 193 22.75 14.09 2.28
N ALA A 194 22.61 14.14 3.60
CA ALA A 194 22.52 12.90 4.38
C ALA A 194 21.08 12.45 4.62
N SER A 195 20.07 13.18 4.11
CA SER A 195 18.69 12.91 4.47
C SER A 195 17.98 12.23 3.30
N ILE A 196 16.88 12.75 2.78
CA ILE A 196 16.16 12.07 1.71
C ILE A 196 17.11 11.79 0.56
N ARG A 197 17.95 12.76 0.20
N ARG A 197 17.95 12.76 0.20
CA ARG A 197 18.85 12.64 -0.95
CA ARG A 197 18.83 12.63 -0.95
C ARG A 197 19.70 11.38 -0.86
C ARG A 197 19.68 11.38 -0.86
N ALA A 198 20.14 11.04 0.35
CA ALA A 198 21.05 9.91 0.50
C ALA A 198 20.37 8.59 0.19
N GLY A 199 19.04 8.53 0.12
CA GLY A 199 18.33 7.31 -0.22
C GLY A 199 17.91 7.18 -1.66
N LEU A 200 18.22 8.15 -2.49
CA LEU A 200 17.74 8.20 -3.85
C LEU A 200 18.88 7.96 -4.83
N PRO A 201 18.56 7.50 -6.03
CA PRO A 201 19.61 7.39 -7.06
C PRO A 201 20.26 8.74 -7.30
N THR A 202 21.58 8.72 -7.51
CA THR A 202 22.30 9.97 -7.64
C THR A 202 21.93 10.77 -8.88
N SER A 203 21.36 10.14 -9.91
CA SER A 203 21.00 10.90 -11.09
C SER A 203 19.80 11.81 -10.93
N TRP A 204 19.01 11.63 -9.86
CA TRP A 204 17.81 12.40 -9.69
C TRP A 204 18.19 13.77 -9.11
N THR A 205 17.34 14.75 -9.35
CA THR A 205 17.57 16.10 -8.84
C THR A 205 16.60 16.33 -7.68
N VAL A 206 17.07 16.96 -6.63
CA VAL A 206 16.30 17.16 -5.40
C VAL A 206 16.41 18.61 -4.93
N GLY A 207 15.31 19.15 -4.45
CA GLY A 207 15.32 20.39 -3.67
C GLY A 207 14.71 20.04 -2.33
N ASP A 208 15.26 20.43 -1.21
CA ASP A 208 14.73 19.92 0.07
C ASP A 208 14.95 20.95 1.15
N LYS A 209 14.26 20.77 2.27
CA LYS A 209 14.46 21.52 3.50
C LYS A 209 14.46 20.52 4.64
N THR A 210 15.51 20.57 5.43
CA THR A 210 15.67 19.72 6.61
C THR A 210 15.11 20.37 7.86
N GLY A 211 14.98 19.55 8.90
CA GLY A 211 14.72 20.06 10.24
C GLY A 211 15.18 19.08 11.29
N SER A 212 15.41 19.59 12.50
CA SER A 212 15.78 18.75 13.62
C SER A 212 15.43 19.47 14.91
N GLY A 213 15.35 18.72 16.00
CA GLY A 213 15.03 19.32 17.27
C GLY A 213 15.21 18.36 18.40
N ASP A 214 14.59 18.67 19.54
CA ASP A 214 14.72 17.79 20.69
C ASP A 214 13.97 16.50 20.42
N TYR A 215 14.11 15.53 21.32
CA TYR A 215 13.49 14.20 21.15
C TYR A 215 14.05 13.51 19.91
N GLY A 216 15.27 13.87 19.56
CA GLY A 216 15.92 13.27 18.40
C GLY A 216 15.16 13.45 17.11
N THR A 217 14.45 14.54 16.99
CA THR A 217 13.58 14.78 15.86
C THR A 217 14.43 15.08 14.66
N THR A 218 14.12 14.43 13.56
CA THR A 218 14.91 14.49 12.32
C THR A 218 13.97 14.46 11.15
N ASN A 219 13.91 15.52 10.34
CA ASN A 219 12.91 15.69 9.31
C ASN A 219 13.53 16.11 7.98
N ASP A 220 12.80 15.90 6.90
CA ASP A 220 13.19 16.39 5.61
C ASP A 220 11.96 16.43 4.72
N ILE A 221 11.83 17.48 3.93
CA ILE A 221 10.76 17.55 2.91
C ILE A 221 11.39 17.88 1.58
N ALA A 222 10.99 17.22 0.52
CA ALA A 222 11.69 17.33 -0.74
C ALA A 222 10.77 17.34 -1.94
N VAL A 223 11.16 18.08 -2.97
CA VAL A 223 10.63 17.95 -4.33
C VAL A 223 11.74 17.30 -5.17
N ILE A 224 11.36 16.29 -5.92
CA ILE A 224 12.31 15.39 -6.57
C ILE A 224 11.97 15.31 -8.06
N TRP A 225 13.00 15.39 -8.89
CA TRP A 225 12.83 15.18 -10.33
C TRP A 225 13.60 13.92 -10.67
N PRO A 226 12.95 12.75 -10.71
N PRO A 226 12.93 12.77 -10.75
CA PRO A 226 13.69 11.52 -11.02
CA PRO A 226 13.64 11.52 -11.01
C PRO A 226 13.99 11.47 -12.50
C PRO A 226 14.12 11.48 -12.45
N GLN A 227 15.18 10.97 -12.83
N GLN A 227 14.87 10.41 -12.75
CA GLN A 227 15.61 10.82 -14.22
CA GLN A 227 15.31 10.18 -14.11
C GLN A 227 14.51 10.20 -15.08
C GLN A 227 14.17 9.53 -14.88
N GLY A 228 13.98 10.97 -16.02
N GLY A 228 13.75 10.19 -15.95
CA GLY A 228 13.06 10.46 -17.01
CA GLY A 228 12.74 9.57 -16.78
C GLY A 228 11.58 10.43 -16.66
C GLY A 228 11.35 9.51 -16.20
N ARG A 229 11.18 10.84 -15.45
N ARG A 229 11.05 10.28 -15.15
CA ARG A 229 9.77 10.74 -15.07
CA ARG A 229 9.74 10.25 -14.52
C ARG A 229 9.29 12.02 -14.39
C ARG A 229 9.30 11.65 -14.13
N ALA A 230 7.98 12.05 -14.19
N ALA A 230 7.99 11.85 -14.03
CA ALA A 230 7.35 13.20 -13.58
CA ALA A 230 7.48 13.14 -13.59
C ALA A 230 7.85 13.38 -12.15
C ALA A 230 7.87 13.36 -12.13
N PRO A 231 7.81 14.62 -11.65
CA PRO A 231 8.31 14.89 -10.29
C PRO A 231 7.50 14.23 -9.19
N LEU A 232 8.17 14.06 -8.07
CA LEU A 232 7.63 13.53 -6.84
C LEU A 232 7.76 14.57 -5.75
N VAL A 233 6.90 14.48 -4.76
CA VAL A 233 7.07 15.17 -3.52
C VAL A 233 7.15 14.13 -2.42
N LEU A 234 8.11 14.28 -1.53
CA LEU A 234 8.32 13.31 -0.45
C LEU A 234 8.55 14.04 0.86
N VAL A 235 7.84 13.64 1.91
CA VAL A 235 7.99 14.15 3.25
CA VAL A 235 8.08 14.16 3.23
C VAL A 235 8.38 12.99 4.15
N THR A 236 9.42 13.13 4.95
CA THR A 236 9.87 12.11 5.91
C THR A 236 10.04 12.81 7.25
N TYR A 237 9.29 12.43 8.26
CA TYR A 237 9.34 12.99 9.59
C TYR A 237 9.67 11.88 10.56
N PHE A 238 10.56 12.12 11.51
CA PHE A 238 10.99 11.10 12.47
C PHE A 238 11.19 11.74 13.84
N THR A 239 10.72 11.08 14.89
CA THR A 239 10.89 11.59 16.24
C THR A 239 10.99 10.40 17.20
N GLN A 240 11.61 10.61 18.34
CA GLN A 240 12.01 9.51 19.22
C GLN A 240 11.51 9.73 20.63
N PRO A 241 11.29 8.67 21.38
CA PRO A 241 10.70 8.85 22.71
C PRO A 241 11.72 9.22 23.76
N GLN A 242 12.96 8.79 23.53
CA GLN A 242 14.11 9.14 24.37
C GLN A 242 14.48 10.58 24.08
N GLN A 243 14.31 11.46 25.07
CA GLN A 243 14.49 12.90 24.88
C GLN A 243 15.87 13.23 24.30
N ASN A 244 16.93 12.68 24.88
CA ASN A 244 18.28 13.00 24.42
C ASN A 244 18.80 12.08 23.29
N ALA A 245 17.91 11.40 22.57
CA ALA A 245 18.33 10.63 21.42
C ALA A 245 19.06 11.51 20.42
N GLU A 246 20.05 10.93 19.77
CA GLU A 246 20.68 11.60 18.67
C GLU A 246 19.82 11.48 17.41
N SER A 247 19.90 12.52 16.58
CA SER A 247 19.17 12.51 15.32
CA SER A 247 19.21 12.52 15.30
C SER A 247 19.65 11.35 14.43
N ARG A 248 18.76 10.96 13.50
CA ARG A 248 18.91 9.78 12.65
C ARG A 248 18.57 10.17 11.22
N ARG A 249 19.42 10.99 10.57
CA ARG A 249 19.17 11.30 9.18
C ARG A 249 19.16 10.05 8.31
N ASP A 250 19.91 9.02 8.73
CA ASP A 250 19.95 7.77 7.97
C ASP A 250 18.60 7.09 7.90
N VAL A 251 17.73 7.29 8.92
CA VAL A 251 16.37 6.75 8.86
C VAL A 251 15.59 7.37 7.72
N LEU A 252 15.74 8.69 7.56
CA LEU A 252 15.08 9.40 6.47
C LEU A 252 15.58 8.86 5.14
N ALA A 253 16.90 8.70 5.02
CA ALA A 253 17.46 8.13 3.80
C ALA A 253 16.90 6.73 3.53
N SER A 254 16.81 5.90 4.58
CA SER A 254 16.26 4.55 4.41
C SER A 254 14.81 4.60 3.97
N ALA A 255 14.03 5.51 4.51
CA ALA A 255 12.62 5.62 4.10
C ALA A 255 12.51 6.03 2.65
N ALA A 256 13.36 6.98 2.21
CA ALA A 256 13.34 7.42 0.81
C ALA A 256 13.73 6.27 -0.10
N ARG A 257 14.73 5.49 0.32
CA ARG A 257 15.17 4.34 -0.48
CA ARG A 257 15.16 4.35 -0.51
C ARG A 257 14.04 3.34 -0.69
N ILE A 258 13.29 3.05 0.37
CA ILE A 258 12.16 2.14 0.29
C ILE A 258 11.13 2.69 -0.66
N ILE A 259 10.83 4.00 -0.57
CA ILE A 259 9.86 4.62 -1.46
C ILE A 259 10.32 4.54 -2.90
N ALA A 260 11.57 4.89 -3.17
CA ALA A 260 12.11 4.83 -4.53
C ALA A 260 12.02 3.43 -5.13
N GLU A 261 12.36 2.40 -4.36
CA GLU A 261 12.29 1.05 -4.88
C GLU A 261 10.86 0.60 -5.13
N GLY A 262 9.89 1.14 -4.40
CA GLY A 262 8.52 0.70 -4.61
C GLY A 262 7.79 1.43 -5.71
N LEU A 263 8.41 2.40 -6.38
CA LEU A 263 7.75 3.13 -7.46
C LEU A 263 7.34 2.23 -8.61
N ALA B 4 -23.66 -14.56 -28.16
CA ALA B 4 -23.68 -13.26 -27.51
C ALA B 4 -23.22 -13.36 -26.05
N VAL B 5 -22.19 -14.17 -25.79
CA VAL B 5 -21.85 -14.47 -24.41
C VAL B 5 -21.31 -13.24 -23.69
N GLN B 6 -20.52 -12.43 -24.39
CA GLN B 6 -19.95 -11.23 -23.77
C GLN B 6 -21.03 -10.21 -23.41
N GLN B 7 -22.00 -9.99 -24.29
CA GLN B 7 -23.11 -9.12 -23.95
C GLN B 7 -23.79 -9.65 -22.69
N LYS B 8 -24.01 -10.96 -22.62
N LYS B 8 -23.99 -10.96 -22.61
CA LYS B 8 -24.77 -11.52 -21.51
CA LYS B 8 -24.77 -11.51 -21.52
C LYS B 8 -24.02 -11.37 -20.19
C LYS B 8 -24.03 -11.41 -20.19
N LEU B 9 -22.72 -11.63 -20.18
CA LEU B 9 -21.97 -11.50 -18.95
C LEU B 9 -21.87 -10.04 -18.51
N ALA B 10 -21.70 -9.13 -19.46
CA ALA B 10 -21.67 -7.71 -19.09
C ALA B 10 -22.99 -7.27 -18.48
N ALA B 11 -24.11 -7.73 -19.04
CA ALA B 11 -25.42 -7.36 -18.50
C ALA B 11 -25.62 -7.96 -17.12
N LEU B 12 -25.16 -9.21 -16.92
CA LEU B 12 -25.25 -9.80 -15.59
C LEU B 12 -24.46 -8.98 -14.58
N GLU B 13 -23.24 -8.60 -14.96
CA GLU B 13 -22.43 -7.79 -14.06
C GLU B 13 -23.14 -6.48 -13.73
N LYS B 14 -23.63 -5.77 -14.75
CA LYS B 14 -24.30 -4.49 -14.53
C LYS B 14 -25.50 -4.66 -13.61
N SER B 15 -26.28 -5.71 -13.84
CA SER B 15 -27.46 -5.94 -12.99
CA SER B 15 -27.46 -5.93 -13.00
C SER B 15 -27.05 -6.18 -11.56
N SER B 16 -25.92 -6.89 -11.35
CA SER B 16 -25.48 -7.29 -10.01
C SER B 16 -24.94 -6.10 -9.20
N GLY B 17 -24.48 -5.03 -9.84
CA GLY B 17 -23.85 -3.92 -9.14
C GLY B 17 -22.40 -4.12 -8.74
N GLY B 18 -21.82 -5.30 -9.01
CA GLY B 18 -20.47 -5.59 -8.59
C GLY B 18 -19.52 -5.78 -9.76
N ARG B 19 -18.43 -6.50 -9.48
CA ARG B 19 -17.34 -6.76 -10.42
C ARG B 19 -17.22 -8.28 -10.57
N LEU B 20 -17.43 -8.74 -11.78
CA LEU B 20 -17.47 -10.16 -12.08
C LEU B 20 -16.28 -10.57 -12.94
N GLY B 21 -15.67 -11.71 -12.61
CA GLY B 21 -14.52 -12.27 -13.32
C GLY B 21 -14.85 -13.70 -13.69
N VAL B 22 -14.70 -14.06 -14.94
CA VAL B 22 -15.02 -15.40 -15.42
C VAL B 22 -13.90 -15.89 -16.31
N ALA B 23 -13.55 -17.17 -16.16
CA ALA B 23 -12.63 -17.78 -17.12
C ALA B 23 -13.10 -19.21 -17.28
N LEU B 24 -13.36 -19.58 -18.52
CA LEU B 24 -13.70 -20.95 -18.91
C LEU B 24 -12.59 -21.49 -19.78
N ILE B 25 -12.22 -22.76 -19.55
CA ILE B 25 -11.43 -23.51 -20.51
C ILE B 25 -12.26 -24.73 -20.88
N ASP B 26 -12.54 -24.92 -22.14
CA ASP B 26 -13.26 -26.09 -22.60
C ASP B 26 -12.18 -26.99 -23.17
N THR B 27 -11.89 -28.08 -22.45
N THR B 27 -11.93 -28.11 -22.52
CA THR B 27 -10.73 -28.94 -22.77
CA THR B 27 -10.92 -29.01 -23.06
C THR B 27 -10.93 -29.78 -24.01
C THR B 27 -11.39 -29.76 -24.29
N ALA B 28 -12.15 -29.85 -24.55
N ALA B 28 -12.66 -29.64 -24.72
CA ALA B 28 -12.36 -30.61 -25.78
CA ALA B 28 -13.04 -30.31 -25.96
C ALA B 28 -11.54 -30.03 -26.91
C ALA B 28 -12.29 -29.73 -27.15
N ASP B 29 -11.41 -28.72 -26.93
N ASP B 29 -12.12 -28.40 -27.17
CA ASP B 29 -10.75 -28.01 -28.03
CA ASP B 29 -11.50 -27.72 -28.30
C ASP B 29 -9.88 -26.86 -27.55
C ASP B 29 -10.50 -26.66 -27.87
N ASN B 30 -9.78 -26.64 -26.24
N ASN B 30 -10.06 -26.67 -26.61
CA ASN B 30 -9.02 -25.56 -25.63
CA ASN B 30 -9.11 -25.70 -26.06
C ASN B 30 -9.61 -24.17 -25.87
C ASN B 30 -9.58 -24.27 -26.31
N THR B 31 -10.88 -24.05 -26.23
CA THR B 31 -11.43 -22.72 -26.37
C THR B 31 -11.66 -22.13 -24.99
N GLN B 32 -11.74 -20.81 -24.96
CA GLN B 32 -11.80 -20.09 -23.71
C GLN B 32 -12.87 -19.04 -23.84
N VAL B 33 -13.47 -18.74 -22.70
CA VAL B 33 -14.30 -17.56 -22.57
C VAL B 33 -13.80 -16.81 -21.37
N LEU B 34 -13.55 -15.53 -21.55
CA LEU B 34 -13.00 -14.69 -20.50
C LEU B 34 -13.84 -13.44 -20.31
N TYR B 35 -14.03 -13.04 -19.07
CA TYR B 35 -14.64 -11.75 -18.76
C TYR B 35 -13.88 -11.20 -17.57
N ARG B 36 -13.22 -10.07 -17.77
CA ARG B 36 -12.27 -9.53 -16.78
C ARG B 36 -11.25 -10.60 -16.39
N GLY B 37 -10.86 -11.40 -17.40
CA GLY B 37 -10.04 -12.55 -17.11
C GLY B 37 -8.66 -12.24 -16.62
N ASP B 38 -8.16 -11.02 -16.82
CA ASP B 38 -6.82 -10.62 -16.38
C ASP B 38 -6.84 -9.67 -15.20
N GLU B 39 -8.00 -9.39 -14.64
CA GLU B 39 -8.07 -8.58 -13.43
C GLU B 39 -7.85 -9.41 -12.19
N ARG B 40 -7.28 -8.81 -11.17
CA ARG B 40 -7.08 -9.49 -9.91
C ARG B 40 -8.37 -9.45 -9.08
N PHE B 41 -8.65 -10.56 -8.43
CA PHE B 41 -9.78 -10.73 -7.54
C PHE B 41 -9.29 -11.40 -6.27
N PRO B 42 -9.88 -11.05 -5.11
CA PRO B 42 -9.55 -11.79 -3.88
C PRO B 42 -10.04 -13.23 -3.99
N MET B 43 -9.11 -14.17 -3.77
CA MET B 43 -9.46 -15.59 -3.88
C MET B 43 -10.34 -16.10 -2.75
N CYS B 44 -10.19 -15.54 -1.57
CA CYS B 44 -10.80 -16.11 -0.39
C CYS B 44 -10.54 -17.62 -0.34
N SER B 45 -11.52 -18.42 0.11
CA SER B 45 -11.28 -19.84 0.35
C SER B 45 -11.01 -20.63 -0.91
N THR B 46 -11.21 -20.07 -2.11
CA THR B 46 -10.74 -20.81 -3.28
C THR B 46 -9.27 -21.11 -3.22
N SER B 47 -8.47 -20.29 -2.50
CA SER B 47 -7.06 -20.59 -2.26
C SER B 47 -6.78 -21.89 -1.53
N LYS B 48 -7.78 -22.50 -0.87
CA LYS B 48 -7.56 -23.77 -0.17
C LYS B 48 -7.18 -24.85 -1.16
N VAL B 49 -7.61 -24.76 -2.41
CA VAL B 49 -7.21 -25.74 -3.43
C VAL B 49 -5.70 -25.75 -3.59
N MET B 50 -5.10 -24.57 -3.69
CA MET B 50 -3.66 -24.49 -3.89
CA MET B 50 -3.66 -24.47 -3.87
C MET B 50 -2.91 -25.02 -2.68
N ALA B 51 -3.39 -24.71 -1.46
CA ALA B 51 -2.70 -25.21 -0.28
C ALA B 51 -2.81 -26.74 -0.17
N ALA B 52 -4.00 -27.30 -0.43
CA ALA B 52 -4.13 -28.75 -0.40
C ALA B 52 -3.26 -29.40 -1.46
N ALA B 53 -3.25 -28.83 -2.66
CA ALA B 53 -2.44 -29.39 -3.72
C ALA B 53 -0.96 -29.36 -3.39
N ALA B 54 -0.52 -28.31 -2.72
CA ALA B 54 0.89 -28.21 -2.39
C ALA B 54 1.30 -29.25 -1.36
N VAL B 55 0.39 -29.61 -0.45
CA VAL B 55 0.66 -30.67 0.49
C VAL B 55 0.64 -32.00 -0.21
N LEU B 56 -0.25 -32.15 -1.19
CA LEU B 56 -0.24 -33.36 -1.98
C LEU B 56 1.09 -33.49 -2.72
N LYS B 57 1.58 -32.41 -3.30
CA LYS B 57 2.88 -32.48 -3.95
C LYS B 57 3.97 -32.90 -2.95
N GLN B 58 3.98 -32.36 -1.73
CA GLN B 58 4.99 -32.80 -0.76
C GLN B 58 4.91 -34.28 -0.50
N SER B 59 3.71 -34.85 -0.50
CA SER B 59 3.49 -36.25 -0.16
C SER B 59 3.99 -37.17 -1.27
N GLU B 60 4.31 -36.60 -2.46
CA GLU B 60 4.93 -37.43 -3.51
C GLU B 60 6.31 -37.91 -3.10
N THR B 61 7.03 -37.16 -2.26
CA THR B 61 8.35 -37.56 -1.81
C THR B 61 8.45 -37.84 -0.33
N GLN B 62 7.58 -37.24 0.51
CA GLN B 62 7.46 -37.59 1.93
C GLN B 62 6.29 -38.55 2.02
N LYS B 63 6.56 -39.85 1.87
CA LYS B 63 5.49 -40.76 1.50
C LYS B 63 4.47 -41.02 2.59
N GLN B 64 4.82 -40.82 3.84
N GLN B 64 4.82 -40.84 3.85
CA GLN B 64 3.83 -40.98 4.93
CA GLN B 64 3.86 -40.97 4.94
C GLN B 64 3.24 -39.66 5.39
C GLN B 64 3.43 -39.62 5.50
N LEU B 65 3.56 -38.54 4.71
CA LEU B 65 3.18 -37.23 5.22
C LEU B 65 1.69 -37.10 5.48
N LEU B 66 0.85 -37.64 4.60
CA LEU B 66 -0.58 -37.40 4.76
C LEU B 66 -1.14 -38.04 6.00
N ASN B 67 -0.46 -39.05 6.57
CA ASN B 67 -0.96 -39.68 7.78
C ASN B 67 -0.30 -39.13 9.04
N GLN B 68 0.51 -38.10 8.92
CA GLN B 68 1.21 -37.54 10.06
C GLN B 68 0.24 -36.75 10.94
N PRO B 69 0.25 -36.96 12.25
CA PRO B 69 -0.66 -36.22 13.15
C PRO B 69 -0.20 -34.79 13.36
N VAL B 70 -1.18 -33.91 13.46
CA VAL B 70 -0.98 -32.49 13.72
C VAL B 70 -1.82 -32.11 14.94
N GLU B 71 -1.19 -31.49 15.93
CA GLU B 71 -1.92 -31.11 17.13
C GLU B 71 -2.86 -29.95 16.83
N ILE B 72 -4.07 -30.06 17.34
CA ILE B 72 -5.07 -28.99 17.30
C ILE B 72 -5.25 -28.45 18.72
N LYS B 73 -4.77 -27.26 18.97
CA LYS B 73 -4.91 -26.71 20.32
C LYS B 73 -6.04 -25.69 20.37
N PRO B 74 -6.66 -25.45 21.54
CA PRO B 74 -7.73 -24.45 21.62
C PRO B 74 -7.34 -23.11 21.04
N ALA B 75 -6.09 -22.65 21.23
CA ALA B 75 -5.72 -21.35 20.71
C ALA B 75 -5.60 -21.33 19.19
N ASP B 76 -5.49 -22.49 18.54
CA ASP B 76 -5.38 -22.57 17.09
C ASP B 76 -6.70 -22.31 16.39
N LEU B 77 -7.82 -22.44 17.09
CA LEU B 77 -9.11 -22.29 16.44
C LEU B 77 -9.27 -20.85 16.00
N VAL B 78 -9.74 -20.65 14.78
CA VAL B 78 -9.99 -19.32 14.28
C VAL B 78 -11.50 -19.08 14.23
N ASN B 79 -12.03 -18.58 13.10
CA ASN B 79 -13.39 -18.06 13.04
C ASN B 79 -14.38 -19.01 12.38
N TYR B 80 -13.95 -20.18 11.91
CA TYR B 80 -14.87 -21.10 11.23
C TYR B 80 -14.18 -22.44 11.25
N ASN B 81 -14.62 -23.30 12.16
CA ASN B 81 -13.86 -24.49 12.48
C ASN B 81 -14.78 -25.70 12.61
N PRO B 82 -15.66 -25.94 11.65
CA PRO B 82 -16.63 -27.02 11.81
C PRO B 82 -16.04 -28.38 12.07
N ILE B 83 -14.88 -28.71 11.51
CA ILE B 83 -14.25 -30.01 11.74
C ILE B 83 -13.23 -29.93 12.87
N ALA B 84 -12.36 -28.91 12.81
CA ALA B 84 -11.28 -28.84 13.79
C ALA B 84 -11.77 -28.71 15.24
N GLU B 85 -12.91 -28.08 15.46
CA GLU B 85 -13.42 -27.97 16.82
CA GLU B 85 -13.45 -27.97 16.81
C GLU B 85 -13.72 -29.33 17.43
N LYS B 86 -14.00 -30.34 16.62
CA LYS B 86 -14.25 -31.66 17.20
CA LYS B 86 -14.24 -31.66 17.19
C LYS B 86 -12.96 -32.31 17.70
N HIS B 87 -11.79 -31.84 17.25
CA HIS B 87 -10.51 -32.50 17.52
C HIS B 87 -9.60 -31.67 18.36
N VAL B 88 -10.11 -30.60 18.97
CA VAL B 88 -9.25 -29.79 19.79
CA VAL B 88 -9.28 -29.76 19.83
C VAL B 88 -8.76 -30.61 20.99
N ASN B 89 -7.54 -30.31 21.45
CA ASN B 89 -6.85 -31.08 22.47
C ASN B 89 -6.61 -32.50 22.00
N GLY B 90 -6.50 -32.64 20.69
CA GLY B 90 -6.24 -33.91 20.05
C GLY B 90 -5.43 -33.64 18.80
N THR B 91 -5.50 -34.56 17.85
CA THR B 91 -4.78 -34.41 16.60
C THR B 91 -5.65 -34.74 15.41
N MET B 92 -5.17 -34.34 14.23
CA MET B 92 -5.80 -34.63 12.96
C MET B 92 -4.63 -34.86 12.01
N THR B 93 -4.79 -35.77 11.05
CA THR B 93 -3.73 -35.95 10.06
C THR B 93 -3.81 -34.90 8.96
N LEU B 94 -2.70 -34.74 8.22
CA LEU B 94 -2.74 -33.82 7.10
C LEU B 94 -3.78 -34.22 6.05
N ALA B 95 -4.04 -35.51 5.83
CA ALA B 95 -5.13 -35.88 4.93
C ALA B 95 -6.48 -35.39 5.46
N GLU B 96 -6.70 -35.54 6.77
CA GLU B 96 -7.98 -35.12 7.34
C GLU B 96 -8.10 -33.61 7.31
N LEU B 97 -7.00 -32.89 7.54
CA LEU B 97 -7.00 -31.44 7.43
C LEU B 97 -7.28 -31.00 5.99
N SER B 98 -6.68 -31.69 5.01
CA SER B 98 -6.95 -31.31 3.62
C SER B 98 -8.41 -31.50 3.29
N ALA B 99 -8.98 -32.65 3.69
CA ALA B 99 -10.38 -32.92 3.40
C ALA B 99 -11.27 -31.89 4.09
N ALA B 100 -10.95 -31.53 5.32
CA ALA B 100 -11.77 -30.55 6.04
C ALA B 100 -11.70 -29.18 5.37
N ALA B 101 -10.50 -28.77 4.96
CA ALA B 101 -10.35 -27.49 4.26
C ALA B 101 -11.13 -27.46 2.96
N LEU B 102 -11.03 -28.53 2.17
CA LEU B 102 -11.66 -28.49 0.85
C LEU B 102 -13.16 -28.73 0.89
N GLN B 103 -13.62 -29.67 1.72
CA GLN B 103 -15.00 -30.15 1.66
C GLN B 103 -15.92 -29.38 2.60
N TYR B 104 -15.37 -28.83 3.65
CA TYR B 104 -16.14 -28.08 4.63
C TYR B 104 -15.65 -26.65 4.74
N SER B 105 -14.59 -26.29 4.02
CA SER B 105 -14.03 -24.93 4.08
C SER B 105 -13.60 -24.50 5.48
N ASP B 106 -13.06 -25.45 6.23
CA ASP B 106 -12.58 -25.23 7.59
C ASP B 106 -11.34 -24.33 7.61
N ASN B 107 -11.40 -23.20 8.32
CA ASN B 107 -10.31 -22.23 8.31
C ASN B 107 -9.18 -22.64 9.23
N THR B 108 -9.43 -23.37 10.31
CA THR B 108 -8.32 -23.90 11.10
C THR B 108 -7.54 -24.93 10.30
N ALA B 109 -8.26 -25.77 9.57
CA ALA B 109 -7.58 -26.77 8.76
C ALA B 109 -6.71 -26.10 7.72
N MET B 110 -7.24 -25.09 7.03
CA MET B 110 -6.40 -24.32 6.10
C MET B 110 -5.13 -23.77 6.75
N ASN B 111 -5.22 -23.25 7.97
CA ASN B 111 -4.02 -22.73 8.62
C ASN B 111 -3.01 -23.82 8.91
N LYS B 112 -3.47 -25.04 9.20
CA LYS B 112 -2.50 -26.09 9.39
C LYS B 112 -1.81 -26.47 8.09
N LEU B 113 -2.54 -26.40 6.94
CA LEU B 113 -1.91 -26.66 5.63
C LEU B 113 -0.86 -25.59 5.37
N ILE B 114 -1.22 -24.33 5.59
CA ILE B 114 -0.28 -23.24 5.39
C ILE B 114 0.95 -23.42 6.25
N ALA B 115 0.77 -23.81 7.50
CA ALA B 115 1.93 -23.99 8.38
C ALA B 115 2.81 -25.14 7.91
N GLN B 116 2.20 -26.21 7.47
CA GLN B 116 2.99 -27.31 6.94
C GLN B 116 3.87 -26.86 5.78
N LEU B 117 3.38 -25.93 4.96
CA LEU B 117 4.13 -25.41 3.82
C LEU B 117 5.10 -24.30 4.16
N GLY B 118 5.20 -23.91 5.43
CA GLY B 118 6.15 -22.88 5.80
C GLY B 118 5.58 -21.49 5.76
N GLY B 119 4.28 -21.31 5.74
CA GLY B 119 3.66 -20.02 5.70
C GLY B 119 3.07 -19.75 4.33
N PRO B 120 2.38 -18.61 4.20
CA PRO B 120 1.75 -18.28 2.90
C PRO B 120 2.71 -18.28 1.74
N GLY B 121 3.96 -17.87 1.96
CA GLY B 121 4.94 -17.90 0.88
C GLY B 121 5.21 -19.31 0.37
N GLY B 122 5.04 -20.33 1.21
CA GLY B 122 5.17 -21.69 0.73
C GLY B 122 4.10 -22.10 -0.27
N VAL B 123 2.87 -21.61 -0.09
CA VAL B 123 1.79 -21.86 -1.03
C VAL B 123 2.10 -21.15 -2.33
N THR B 124 2.57 -19.90 -2.25
CA THR B 124 2.91 -19.15 -3.46
C THR B 124 4.05 -19.82 -4.21
N ALA B 125 5.03 -20.35 -3.50
CA ALA B 125 6.16 -21.00 -4.15
C ALA B 125 5.70 -22.24 -4.90
N PHE B 126 4.76 -23.00 -4.33
CA PHE B 126 4.19 -24.14 -5.06
C PHE B 126 3.53 -23.67 -6.34
N ALA B 127 2.71 -22.63 -6.27
CA ALA B 127 2.12 -22.06 -7.48
C ALA B 127 3.19 -21.76 -8.52
N ARG B 128 4.27 -21.07 -8.12
CA ARG B 128 5.35 -20.76 -9.06
C ARG B 128 5.92 -22.03 -9.66
N ALA B 129 6.09 -23.07 -8.83
CA ALA B 129 6.67 -24.31 -9.32
C ALA B 129 5.80 -25.02 -10.36
N ILE B 130 4.50 -24.78 -10.41
CA ILE B 130 3.63 -25.40 -11.38
C ILE B 130 3.24 -24.43 -12.50
N GLY B 131 3.96 -23.32 -12.60
CA GLY B 131 3.90 -22.45 -13.74
C GLY B 131 2.95 -21.28 -13.58
N ASP B 132 2.47 -21.03 -12.37
CA ASP B 132 1.50 -19.97 -12.11
C ASP B 132 2.26 -18.78 -11.52
N GLU B 133 2.42 -17.71 -12.32
CA GLU B 133 3.19 -16.54 -11.92
C GLU B 133 2.29 -15.43 -11.38
N THR B 134 1.00 -15.67 -11.30
CA THR B 134 0.01 -14.66 -10.93
C THR B 134 -0.49 -14.80 -9.50
N PHE B 135 -0.80 -16.02 -9.09
CA PHE B 135 -1.34 -16.31 -7.77
C PHE B 135 -0.41 -15.76 -6.69
N ARG B 136 -0.98 -15.29 -5.61
CA ARG B 136 -0.20 -14.91 -4.47
C ARG B 136 -1.01 -15.07 -3.17
N LEU B 137 -0.45 -15.83 -2.23
CA LEU B 137 -1.02 -15.97 -0.89
C LEU B 137 -0.08 -15.21 0.04
N ASP B 138 -0.65 -14.30 0.81
CA ASP B 138 0.09 -13.39 1.66
C ASP B 138 -0.21 -13.55 3.13
N ARG B 139 -1.42 -13.99 3.48
CA ARG B 139 -1.91 -13.99 4.85
C ARG B 139 -2.49 -15.37 5.16
N THR B 140 -2.60 -15.66 6.46
CA THR B 140 -3.33 -16.83 6.95
C THR B 140 -4.83 -16.54 7.05
N GLU B 141 -5.59 -17.54 7.52
CA GLU B 141 -6.98 -17.35 7.86
C GLU B 141 -7.06 -16.74 9.25
N PRO B 142 -7.99 -15.81 9.48
CA PRO B 142 -9.08 -15.42 8.57
C PRO B 142 -8.78 -14.21 7.71
N THR B 143 -7.66 -13.51 7.96
CA THR B 143 -7.48 -12.20 7.32
C THR B 143 -7.29 -12.26 5.81
N LEU B 144 -7.01 -13.41 5.25
CA LEU B 144 -6.88 -13.48 3.80
C LEU B 144 -8.19 -13.20 3.11
N ASN B 145 -9.30 -13.08 3.86
CA ASN B 145 -10.61 -12.80 3.31
C ASN B 145 -11.05 -11.35 3.36
N THR B 146 -10.15 -10.40 3.66
CA THR B 146 -10.59 -9.01 3.83
C THR B 146 -11.08 -8.40 2.52
N ALA B 147 -10.56 -8.87 1.37
CA ALA B 147 -11.09 -8.48 0.06
C ALA B 147 -11.15 -6.97 -0.16
N ILE B 148 -10.13 -6.26 0.30
CA ILE B 148 -10.11 -4.80 0.21
C ILE B 148 -9.90 -4.38 -1.23
N PRO B 149 -10.75 -3.52 -1.79
CA PRO B 149 -10.58 -3.08 -3.19
C PRO B 149 -9.18 -2.55 -3.46
N GLY B 150 -8.59 -3.00 -4.57
CA GLY B 150 -7.25 -2.62 -4.98
C GLY B 150 -6.09 -3.29 -4.27
N ASP B 151 -6.35 -4.07 -3.22
CA ASP B 151 -5.29 -4.70 -2.46
C ASP B 151 -4.88 -5.95 -3.21
N PRO B 152 -3.62 -6.08 -3.63
CA PRO B 152 -3.25 -7.28 -4.41
C PRO B 152 -3.00 -8.49 -3.54
N ARG B 153 -2.97 -8.36 -2.23
CA ARG B 153 -2.72 -9.52 -1.39
C ARG B 153 -3.80 -10.59 -1.57
N ASP B 154 -3.37 -11.85 -1.59
CA ASP B 154 -4.34 -12.94 -1.58
C ASP B 154 -5.24 -12.93 -2.80
N THR B 155 -4.66 -12.61 -3.96
CA THR B 155 -5.45 -12.48 -5.18
C THR B 155 -4.87 -13.35 -6.30
N THR B 156 -5.70 -13.58 -7.31
CA THR B 156 -5.21 -14.08 -8.59
C THR B 156 -6.15 -13.57 -9.68
N THR B 157 -5.90 -13.94 -10.91
CA THR B 157 -6.83 -13.60 -12.00
C THR B 157 -7.66 -14.81 -12.39
N PRO B 158 -8.82 -14.59 -12.97
CA PRO B 158 -9.61 -15.77 -13.41
C PRO B 158 -8.87 -16.61 -14.41
N ARG B 159 -8.20 -15.98 -15.38
CA ARG B 159 -7.43 -16.72 -16.38
C ARG B 159 -6.37 -17.61 -15.75
N ALA B 160 -5.62 -17.06 -14.81
CA ALA B 160 -4.54 -17.78 -14.14
C ALA B 160 -5.07 -18.94 -13.30
N MET B 161 -6.16 -18.70 -12.60
CA MET B 161 -6.74 -19.76 -11.76
C MET B 161 -7.36 -20.87 -12.57
N ALA B 162 -7.99 -20.56 -13.69
CA ALA B 162 -8.52 -21.63 -14.54
C ALA B 162 -7.40 -22.50 -15.04
N GLN B 163 -6.33 -21.86 -15.54
CA GLN B 163 -5.20 -22.61 -16.07
C GLN B 163 -4.57 -23.48 -15.00
N THR B 164 -4.39 -22.95 -13.81
CA THR B 164 -3.81 -23.75 -12.74
C THR B 164 -4.75 -24.88 -12.35
N LEU B 165 -6.06 -24.60 -12.20
CA LEU B 165 -6.97 -25.68 -11.83
C LEU B 165 -6.93 -26.79 -12.87
N ARG B 166 -6.88 -26.43 -14.14
CA ARG B 166 -6.75 -27.45 -15.17
C ARG B 166 -5.48 -28.29 -14.97
N GLN B 167 -4.33 -27.63 -14.73
CA GLN B 167 -3.10 -28.40 -14.58
C GLN B 167 -3.16 -29.32 -13.37
N LEU B 168 -3.83 -28.90 -12.30
CA LEU B 168 -3.85 -29.70 -11.10
C LEU B 168 -4.81 -30.87 -11.23
N THR B 169 -5.95 -30.68 -11.89
CA THR B 169 -7.02 -31.69 -11.87
C THR B 169 -7.06 -32.53 -13.12
N LEU B 170 -6.58 -32.01 -14.24
CA LEU B 170 -6.65 -32.68 -15.52
C LEU B 170 -5.29 -32.88 -16.14
N GLY B 171 -4.27 -32.15 -15.69
CA GLY B 171 -2.93 -32.24 -16.26
C GLY B 171 -2.00 -32.95 -15.31
N HIS B 172 -0.74 -32.54 -15.32
CA HIS B 172 0.32 -33.29 -14.68
C HIS B 172 1.13 -32.43 -13.74
N ALA B 173 0.48 -31.40 -13.15
CA ALA B 173 1.14 -30.71 -12.05
C ALA B 173 1.39 -31.61 -10.85
N LEU B 174 0.51 -32.59 -10.58
CA LEU B 174 0.63 -33.56 -9.50
C LEU B 174 0.86 -34.94 -10.10
N GLY B 175 1.35 -35.87 -9.28
CA GLY B 175 1.41 -37.25 -9.69
C GLY B 175 0.01 -37.83 -9.82
N GLU B 176 -0.07 -39.01 -10.47
CA GLU B 176 -1.36 -39.59 -10.81
C GLU B 176 -2.26 -39.79 -9.58
N THR B 177 -1.72 -40.41 -8.53
CA THR B 177 -2.53 -40.70 -7.35
C THR B 177 -2.95 -39.42 -6.65
N GLN B 178 -2.06 -38.45 -6.63
CA GLN B 178 -2.36 -37.19 -5.98
C GLN B 178 -3.41 -36.41 -6.75
N ARG B 179 -3.33 -36.37 -8.06
CA ARG B 179 -4.35 -35.72 -8.87
C ARG B 179 -5.70 -36.36 -8.61
N ALA B 180 -5.74 -37.69 -8.57
CA ALA B 180 -6.99 -38.37 -8.33
C ALA B 180 -7.53 -38.02 -6.94
N GLN B 181 -6.65 -37.92 -5.95
CA GLN B 181 -7.09 -37.56 -4.59
C GLN B 181 -7.69 -36.17 -4.56
N LEU B 182 -7.03 -35.22 -5.22
CA LEU B 182 -7.56 -33.86 -5.30
C LEU B 182 -8.95 -33.83 -5.93
N VAL B 183 -9.13 -34.52 -7.05
CA VAL B 183 -10.42 -34.56 -7.75
C VAL B 183 -11.48 -35.22 -6.88
N THR B 184 -11.12 -36.28 -6.16
CA THR B 184 -12.07 -36.93 -5.24
C THR B 184 -12.48 -35.97 -4.15
N TRP B 185 -11.55 -35.19 -3.62
CA TRP B 185 -11.93 -34.24 -2.58
C TRP B 185 -12.85 -33.16 -3.13
N LEU B 186 -12.53 -32.60 -4.30
CA LEU B 186 -13.37 -31.56 -4.88
C LEU B 186 -14.76 -32.08 -5.21
N LYS B 187 -14.86 -33.31 -5.68
CA LYS B 187 -16.17 -33.86 -6.02
C LYS B 187 -17.07 -34.07 -4.78
N GLY B 188 -16.45 -34.22 -3.63
CA GLY B 188 -17.14 -34.40 -2.37
C GLY B 188 -17.36 -33.14 -1.60
N ASN B 189 -17.12 -31.97 -2.20
CA ASN B 189 -17.39 -30.73 -1.49
C ASN B 189 -18.83 -30.68 -1.02
N THR B 190 -19.03 -30.13 0.19
CA THR B 190 -20.39 -29.97 0.68
C THR B 190 -20.97 -28.59 0.40
N THR B 191 -20.18 -27.59 -0.03
CA THR B 191 -20.61 -26.18 0.06
C THR B 191 -21.11 -25.61 -1.27
N GLY B 192 -21.16 -26.38 -2.35
CA GLY B 192 -21.21 -25.84 -3.69
C GLY B 192 -22.53 -25.79 -4.43
N ALA B 193 -23.63 -26.34 -3.85
CA ALA B 193 -24.84 -26.52 -4.66
C ALA B 193 -25.51 -25.21 -5.08
N ALA B 194 -25.23 -24.09 -4.42
CA ALA B 194 -25.86 -22.85 -4.83
C ALA B 194 -25.04 -22.02 -5.81
N SER B 195 -23.82 -22.43 -6.13
CA SER B 195 -22.84 -21.60 -6.85
C SER B 195 -22.78 -22.07 -8.32
N ILE B 196 -21.60 -22.37 -8.87
CA ILE B 196 -21.52 -22.76 -10.27
C ILE B 196 -22.51 -23.89 -10.59
N ARG B 197 -22.56 -24.92 -9.72
CA ARG B 197 -23.43 -26.09 -9.93
C ARG B 197 -24.84 -25.68 -10.22
N ALA B 198 -25.33 -24.68 -9.54
CA ALA B 198 -26.74 -24.31 -9.71
C ALA B 198 -27.05 -23.73 -11.09
N GLY B 199 -26.06 -23.34 -11.88
CA GLY B 199 -26.32 -22.89 -13.23
C GLY B 199 -26.13 -23.94 -14.31
N LEU B 200 -25.80 -25.19 -13.93
CA LEU B 200 -25.45 -26.23 -14.88
C LEU B 200 -26.53 -27.30 -14.88
N PRO B 201 -26.66 -28.02 -15.97
CA PRO B 201 -27.61 -29.14 -15.98
C PRO B 201 -27.26 -30.12 -14.87
N THR B 202 -28.30 -30.69 -14.25
CA THR B 202 -28.07 -31.59 -13.12
C THR B 202 -27.37 -32.88 -13.49
N SER B 203 -27.44 -33.31 -14.75
CA SER B 203 -26.78 -34.55 -15.14
C SER B 203 -25.26 -34.42 -15.18
N TRP B 204 -24.73 -33.19 -15.10
CA TRP B 204 -23.29 -33.00 -15.19
C TRP B 204 -22.64 -33.30 -13.84
N THR B 205 -21.37 -33.68 -13.87
CA THR B 205 -20.59 -33.95 -12.66
C THR B 205 -19.68 -32.75 -12.40
N VAL B 206 -19.67 -32.28 -11.16
CA VAL B 206 -18.90 -31.10 -10.81
C VAL B 206 -18.06 -31.37 -9.56
N GLY B 207 -16.81 -30.90 -9.57
CA GLY B 207 -16.05 -30.75 -8.34
C GLY B 207 -15.67 -29.30 -8.13
N ASP B 208 -15.90 -28.71 -6.97
CA ASP B 208 -15.64 -27.30 -6.85
C ASP B 208 -15.19 -26.90 -5.49
N LYS B 209 -14.72 -25.66 -5.41
CA LYS B 209 -14.36 -25.06 -4.14
C LYS B 209 -14.91 -23.65 -4.14
N THR B 210 -15.68 -23.32 -3.10
CA THR B 210 -16.26 -22.01 -2.92
C THR B 210 -15.34 -21.09 -2.11
N GLY B 211 -15.69 -19.81 -2.10
CA GLY B 211 -15.08 -18.86 -1.19
C GLY B 211 -15.98 -17.66 -1.04
N SER B 212 -15.79 -16.96 0.08
CA SER B 212 -16.54 -15.73 0.32
C SER B 212 -15.76 -14.89 1.32
N GLY B 213 -16.12 -13.61 1.38
CA GLY B 213 -15.40 -12.73 2.27
C GLY B 213 -16.08 -11.39 2.36
N ASP B 214 -15.32 -10.42 2.87
CA ASP B 214 -15.86 -9.07 3.02
C ASP B 214 -16.12 -8.47 1.65
N TYR B 215 -16.79 -7.30 1.62
CA TYR B 215 -17.20 -6.67 0.37
C TYR B 215 -18.09 -7.58 -0.48
N GLY B 216 -18.84 -8.44 0.20
CA GLY B 216 -19.77 -9.29 -0.50
C GLY B 216 -19.12 -10.25 -1.47
N THR B 217 -17.86 -10.61 -1.24
CA THR B 217 -17.09 -11.40 -2.17
C THR B 217 -17.70 -12.79 -2.17
N THR B 218 -17.87 -13.33 -3.37
CA THR B 218 -18.54 -14.62 -3.54
C THR B 218 -17.85 -15.29 -4.72
N ASN B 219 -17.20 -16.44 -4.48
CA ASN B 219 -16.36 -17.06 -5.51
C ASN B 219 -16.66 -18.55 -5.61
N ASP B 220 -16.30 -19.13 -6.75
CA ASP B 220 -16.35 -20.59 -6.92
C ASP B 220 -15.42 -20.94 -8.06
N ILE B 221 -14.72 -22.06 -7.91
CA ILE B 221 -13.90 -22.60 -8.99
C ILE B 221 -14.24 -24.07 -9.14
N ALA B 222 -14.31 -24.54 -10.37
CA ALA B 222 -14.91 -25.85 -10.62
C ALA B 222 -14.26 -26.57 -11.80
N VAL B 223 -14.18 -27.88 -11.70
N VAL B 223 -14.19 -27.88 -11.68
CA VAL B 223 -13.88 -28.73 -12.84
CA VAL B 223 -13.95 -28.76 -12.80
C VAL B 223 -15.15 -29.55 -13.08
C VAL B 223 -15.28 -29.45 -13.06
N ILE B 224 -15.61 -29.56 -14.34
CA ILE B 224 -16.95 -29.96 -14.72
C ILE B 224 -16.87 -31.00 -15.81
N TRP B 225 -17.65 -32.08 -15.68
CA TRP B 225 -17.69 -33.12 -16.70
C TRP B 225 -19.08 -33.12 -17.31
N PRO B 226 -19.34 -32.37 -18.38
CA PRO B 226 -20.66 -32.37 -18.97
C PRO B 226 -20.98 -33.74 -19.55
N GLN B 227 -22.26 -34.05 -19.62
N GLN B 227 -22.25 -34.08 -19.57
CA GLN B 227 -22.69 -35.34 -20.13
CA GLN B 227 -22.64 -35.40 -20.04
C GLN B 227 -22.18 -35.58 -21.54
C GLN B 227 -22.20 -35.61 -21.48
N GLY B 228 -21.37 -36.62 -21.68
CA GLY B 228 -20.91 -37.06 -22.98
C GLY B 228 -19.74 -36.29 -23.57
N ARG B 229 -19.22 -35.24 -22.90
CA ARG B 229 -18.23 -34.34 -23.47
C ARG B 229 -17.01 -34.21 -22.57
N ALA B 230 -15.93 -33.68 -23.16
CA ALA B 230 -14.68 -33.49 -22.43
C ALA B 230 -14.87 -32.43 -21.35
N PRO B 231 -14.08 -32.52 -20.26
CA PRO B 231 -14.33 -31.60 -19.13
C PRO B 231 -14.05 -30.13 -19.45
N LEU B 232 -14.68 -29.30 -18.63
CA LEU B 232 -14.47 -27.86 -18.59
C LEU B 232 -13.85 -27.47 -17.25
N VAL B 233 -13.12 -26.35 -17.24
CA VAL B 233 -12.73 -25.71 -16.00
C VAL B 233 -13.35 -24.33 -16.02
N LEU B 234 -14.01 -23.95 -14.92
CA LEU B 234 -14.69 -22.65 -14.85
C LEU B 234 -14.38 -21.98 -13.53
N VAL B 235 -13.95 -20.71 -13.60
CA VAL B 235 -13.70 -19.84 -12.45
C VAL B 235 -14.71 -18.71 -12.54
N THR B 236 -15.40 -18.43 -11.43
CA THR B 236 -16.30 -17.29 -11.33
C THR B 236 -15.98 -16.58 -10.01
N TYR B 237 -15.48 -15.36 -10.11
CA TYR B 237 -15.14 -14.51 -8.99
C TYR B 237 -16.07 -13.31 -9.01
N PHE B 238 -16.50 -12.88 -7.83
CA PHE B 238 -17.42 -11.73 -7.77
C PHE B 238 -17.15 -10.95 -6.50
N THR B 239 -17.03 -9.62 -6.63
CA THR B 239 -16.89 -8.76 -5.45
C THR B 239 -17.65 -7.46 -5.67
N GLN B 240 -17.95 -6.79 -4.57
CA GLN B 240 -18.95 -5.72 -4.58
C GLN B 240 -18.35 -4.46 -3.98
N PRO B 241 -18.97 -3.29 -4.25
CA PRO B 241 -18.36 -2.03 -3.77
C PRO B 241 -18.63 -1.71 -2.32
N GLN B 242 -19.69 -2.24 -1.73
CA GLN B 242 -20.04 -1.89 -0.36
C GLN B 242 -19.42 -2.92 0.56
N GLN B 243 -18.69 -2.46 1.56
CA GLN B 243 -18.10 -3.36 2.53
C GLN B 243 -19.14 -4.33 3.07
N ASN B 244 -20.35 -3.86 3.38
N ASN B 244 -20.34 -3.85 3.39
CA ASN B 244 -21.37 -4.69 4.01
CA ASN B 244 -21.37 -4.71 3.98
C ASN B 244 -22.30 -5.42 3.01
C ASN B 244 -22.37 -5.24 2.96
N ALA B 245 -21.91 -5.52 1.73
CA ALA B 245 -22.77 -6.21 0.78
C ALA B 245 -22.99 -7.67 1.16
N GLU B 246 -24.19 -8.15 0.87
CA GLU B 246 -24.53 -9.54 1.03
C GLU B 246 -23.90 -10.36 -0.11
N SER B 247 -23.61 -11.61 0.19
CA SER B 247 -23.07 -12.46 -0.86
C SER B 247 -24.13 -12.78 -1.92
N ARG B 248 -23.66 -13.09 -3.12
CA ARG B 248 -24.53 -13.33 -4.26
C ARG B 248 -24.16 -14.59 -5.04
N ARG B 249 -24.35 -15.74 -4.42
CA ARG B 249 -24.00 -17.00 -5.10
C ARG B 249 -24.81 -17.16 -6.38
N ASP B 250 -26.01 -16.55 -6.40
CA ASP B 250 -26.84 -16.59 -7.60
C ASP B 250 -26.16 -15.97 -8.80
N VAL B 251 -25.32 -14.94 -8.61
CA VAL B 251 -24.60 -14.37 -9.72
C VAL B 251 -23.63 -15.39 -10.31
N LEU B 252 -23.00 -16.21 -9.45
CA LEU B 252 -22.08 -17.21 -9.96
C LEU B 252 -22.83 -18.27 -10.76
N ALA B 253 -24.01 -18.69 -10.26
CA ALA B 253 -24.85 -19.64 -10.97
C ALA B 253 -25.30 -19.08 -12.32
N SER B 254 -25.66 -17.78 -12.35
CA SER B 254 -26.07 -17.12 -13.60
C SER B 254 -24.94 -17.06 -14.60
N ALA B 255 -23.73 -16.73 -14.14
CA ALA B 255 -22.59 -16.75 -15.05
C ALA B 255 -22.37 -18.14 -15.62
N ALA B 256 -22.45 -19.18 -14.76
CA ALA B 256 -22.25 -20.53 -15.28
C ALA B 256 -23.33 -20.91 -16.29
N ARG B 257 -24.57 -20.50 -16.04
CA ARG B 257 -25.66 -20.79 -16.97
C ARG B 257 -25.42 -20.12 -18.31
N ILE B 258 -24.95 -18.89 -18.30
CA ILE B 258 -24.64 -18.21 -19.55
C ILE B 258 -23.57 -18.95 -20.30
N ILE B 259 -22.51 -19.37 -19.59
CA ILE B 259 -21.40 -20.10 -20.22
C ILE B 259 -21.91 -21.40 -20.81
N ALA B 260 -22.79 -22.11 -20.08
CA ALA B 260 -23.26 -23.41 -20.50
C ALA B 260 -24.13 -23.31 -21.75
N GLU B 261 -24.93 -22.26 -21.86
CA GLU B 261 -25.76 -22.15 -23.06
C GLU B 261 -24.93 -21.78 -24.28
N GLY B 262 -23.83 -21.04 -24.09
CA GLY B 262 -22.91 -20.73 -25.16
C GLY B 262 -22.00 -21.87 -25.56
N LEU B 263 -22.15 -23.04 -24.97
CA LEU B 263 -21.32 -24.20 -25.32
C LEU B 263 -21.79 -24.75 -26.66
#